data_2POQ
#
_entry.id   2POQ
#
_cell.length_a   122.832
_cell.length_b   122.832
_cell.length_c   121.293
_cell.angle_alpha   90.00
_cell.angle_beta   90.00
_cell.angle_gamma   120.00
#
_symmetry.space_group_name_H-M   'P 61 2 2'
#
loop_
_entity.id
_entity.type
_entity.pdbx_description
1 polymer 'Dimeric dihydrodiol dehydrogenase'
2 non-polymer 'SULFATE ION'
3 non-polymer BETA-MERCAPTOETHANOL
4 non-polymer 'ISOASCORBIC ACID'
5 water water
#
_entity_poly.entity_id   1
_entity_poly.type   'polypeptide(L)'
_entity_poly.pdbx_seq_one_letter_code
;MALRWGIVSVGLISSDFTAVLQTLPRSEHQVVAVAARDLSRAKEFAQKHDIPKAYGSYEELAKDPNVEVAYVGTQHPQHK
AAVMLCLAAGKAVLCEKPMGVNAAEVREMVTEARSRGLFLMEAIWTRFFPASEALRSVLAQGTLGDLRVARAEFGKNLTH
VPRAVDWAQAGGALLDLGIYCVQFISMVFGGQKPEKISVMGRRHETGVDDTVTVLLQYPGEVHGSFTCSITAQLSNTASV
SGTKGMAQLLNPCWCPTELVVKGEHKEFLLPPVPKNCNFDNGAGMSYEAKHVRECLRKGLKESPVIPLVESELLADILEE
VRRAIGVTFPQDKH
;
_entity_poly.pdbx_strand_id   X
#
loop_
_chem_comp.id
_chem_comp.type
_chem_comp.name
_chem_comp.formula
BME non-polymer BETA-MERCAPTOETHANOL 'C2 H6 O S'
ISD D-saccharide 'ISOASCORBIC ACID' 'C6 H8 O6'
SO4 non-polymer 'SULFATE ION' 'O4 S -2'
#
# COMPACT_ATOMS: atom_id res chain seq x y z
N ALA A 2 -20.11 -2.46 -15.45
CA ALA A 2 -18.90 -1.87 -14.82
C ALA A 2 -18.53 -2.65 -13.56
N LEU A 3 -17.28 -2.48 -13.10
CA LEU A 3 -16.85 -2.94 -11.80
C LEU A 3 -17.50 -2.04 -10.77
N ARG A 4 -18.32 -2.62 -9.90
CA ARG A 4 -19.11 -1.86 -8.96
C ARG A 4 -18.40 -1.87 -7.60
N TRP A 5 -17.94 -0.68 -7.18
CA TRP A 5 -17.15 -0.44 -5.95
C TRP A 5 -18.00 0.01 -4.75
N GLY A 6 -17.72 -0.52 -3.56
CA GLY A 6 -18.28 -0.03 -2.32
C GLY A 6 -17.12 0.54 -1.49
N ILE A 7 -17.29 1.72 -0.91
CA ILE A 7 -16.20 2.36 -0.24
C ILE A 7 -16.42 2.18 1.24
N VAL A 8 -15.40 1.66 1.96
CA VAL A 8 -15.55 1.39 3.36
C VAL A 8 -14.70 2.39 4.15
N SER A 9 -15.43 3.20 4.92
CA SER A 9 -14.95 4.37 5.70
C SER A 9 -14.80 5.60 4.83
N VAL A 10 -14.83 6.78 5.43
CA VAL A 10 -15.06 8.06 4.74
C VAL A 10 -14.00 9.08 5.01
N GLY A 11 -12.86 8.60 5.55
CA GLY A 11 -11.76 9.54 5.83
C GLY A 11 -11.00 9.98 4.60
N LEU A 12 -9.81 10.56 4.85
CA LEU A 12 -9.11 11.26 3.78
C LEU A 12 -8.72 10.38 2.58
N ILE A 13 -8.16 9.20 2.90
CA ILE A 13 -7.78 8.23 1.89
C ILE A 13 -8.98 7.79 1.05
N SER A 14 -10.14 7.59 1.68
CA SER A 14 -11.31 7.22 0.92
C SER A 14 -11.78 8.30 -0.08
N SER A 15 -11.64 9.60 0.31
CA SER A 15 -11.98 10.71 -0.58
C SER A 15 -11.15 10.62 -1.81
N ASP A 16 -9.83 10.56 -1.62
CA ASP A 16 -8.91 10.44 -2.73
C ASP A 16 -9.32 9.28 -3.61
N PHE A 17 -9.53 8.12 -3.01
CA PHE A 17 -9.76 6.96 -3.84
C PHE A 17 -11.06 7.11 -4.60
N THR A 18 -12.08 7.58 -3.91
CA THR A 18 -13.41 7.75 -4.53
C THR A 18 -13.36 8.79 -5.64
N ALA A 19 -12.72 9.89 -5.34
CA ALA A 19 -12.39 10.90 -6.34
C ALA A 19 -11.68 10.31 -7.60
N VAL A 20 -10.63 9.52 -7.40
CA VAL A 20 -9.95 8.92 -8.52
C VAL A 20 -10.95 8.01 -9.28
N LEU A 21 -11.67 7.12 -8.58
CA LEU A 21 -12.52 6.15 -9.26
C LEU A 21 -13.54 6.90 -10.10
N GLN A 22 -13.91 8.09 -9.61
CA GLN A 22 -14.94 8.82 -10.32
C GLN A 22 -14.45 9.61 -11.50
N THR A 23 -13.17 9.49 -11.80
CA THR A 23 -12.63 10.04 -13.00
C THR A 23 -12.44 8.96 -14.02
N LEU A 24 -12.74 7.71 -13.70
CA LEU A 24 -12.45 6.65 -14.69
C LEU A 24 -13.64 6.38 -15.63
N PRO A 25 -13.40 5.68 -16.78
CA PRO A 25 -14.50 5.51 -17.74
C PRO A 25 -15.69 4.83 -17.06
N ARG A 26 -16.90 5.37 -17.22
CA ARG A 26 -18.08 5.01 -16.39
C ARG A 26 -18.62 3.62 -16.76
N SER A 27 -18.17 3.14 -17.91
CA SER A 27 -18.51 1.80 -18.35
C SER A 27 -17.50 0.81 -17.74
N GLU A 28 -16.41 1.36 -17.16
CA GLU A 28 -15.41 0.52 -16.53
C GLU A 28 -15.52 0.39 -14.98
N HIS A 29 -15.94 1.46 -14.27
CA HIS A 29 -15.97 1.60 -12.78
C HIS A 29 -17.18 2.42 -12.29
N GLN A 30 -17.86 1.98 -11.25
CA GLN A 30 -18.97 2.76 -10.70
C GLN A 30 -18.87 2.62 -9.21
N VAL A 31 -19.05 3.73 -8.49
CA VAL A 31 -19.06 3.71 -7.04
C VAL A 31 -20.52 3.76 -6.63
N VAL A 32 -20.96 2.69 -6.02
CA VAL A 32 -22.36 2.41 -5.81
C VAL A 32 -22.75 2.42 -4.37
N ALA A 33 -21.81 2.48 -3.44
CA ALA A 33 -22.19 2.52 -2.03
C ALA A 33 -21.02 3.02 -1.21
N VAL A 34 -21.30 3.55 -0.02
CA VAL A 34 -20.29 3.93 0.93
C VAL A 34 -20.79 3.60 2.35
N ALA A 35 -19.91 3.29 3.28
CA ALA A 35 -20.35 2.95 4.64
C ALA A 35 -19.47 3.69 5.61
N ALA A 36 -20.04 4.18 6.70
CA ALA A 36 -19.24 4.79 7.75
C ALA A 36 -19.70 4.16 9.06
N ARG A 37 -19.07 4.55 10.16
CA ARG A 37 -19.50 4.05 11.45
C ARG A 37 -20.79 4.70 12.01
N ASP A 38 -21.29 5.75 11.34
CA ASP A 38 -22.68 6.21 11.55
C ASP A 38 -23.23 6.83 10.27
N LEU A 39 -24.56 6.80 10.13
CA LEU A 39 -25.29 7.19 8.90
C LEU A 39 -25.02 8.60 8.42
N SER A 40 -24.86 9.55 9.35
CA SER A 40 -24.67 10.96 8.92
C SER A 40 -23.33 11.20 8.20
N ARG A 41 -22.24 10.72 8.82
CA ARG A 41 -20.92 10.72 8.12
C ARG A 41 -20.96 10.12 6.72
N ALA A 42 -21.70 9.00 6.59
CA ALA A 42 -21.89 8.37 5.29
C ALA A 42 -22.75 9.17 4.32
N LYS A 43 -23.92 9.65 4.77
CA LYS A 43 -24.80 10.45 3.87
C LYS A 43 -24.06 11.70 3.40
N GLU A 44 -23.38 12.39 4.32
CA GLU A 44 -22.58 13.56 3.89
C GLU A 44 -21.50 13.24 2.83
N PHE A 45 -20.75 12.16 3.03
CA PHE A 45 -19.81 11.66 2.04
C PHE A 45 -20.46 11.34 0.68
N ALA A 46 -21.58 10.62 0.71
CA ALA A 46 -22.28 10.25 -0.52
C ALA A 46 -22.78 11.46 -1.34
N GLN A 47 -23.32 12.51 -0.68
CA GLN A 47 -23.69 13.77 -1.35
C GLN A 47 -22.40 14.35 -1.91
N LYS A 48 -21.44 14.66 -1.06
CA LYS A 48 -20.21 15.28 -1.55
C LYS A 48 -19.67 14.57 -2.79
N HIS A 49 -19.77 13.23 -2.85
CA HIS A 49 -19.13 12.44 -3.94
C HIS A 49 -20.06 11.70 -4.93
N ASP A 50 -21.37 11.90 -4.87
CA ASP A 50 -22.29 11.42 -5.90
C ASP A 50 -22.32 9.90 -5.89
N ILE A 51 -22.70 9.34 -4.74
CA ILE A 51 -22.75 7.89 -4.53
C ILE A 51 -24.17 7.60 -4.17
N PRO A 52 -24.83 6.83 -5.01
CA PRO A 52 -26.23 6.53 -4.79
C PRO A 52 -26.62 5.90 -3.45
N LYS A 53 -25.79 5.08 -2.81
CA LYS A 53 -26.27 4.41 -1.58
C LYS A 53 -25.34 4.65 -0.38
N ALA A 54 -25.90 4.92 0.79
CA ALA A 54 -25.10 5.25 1.99
C ALA A 54 -25.51 4.39 3.19
N TYR A 55 -24.57 3.99 4.05
CA TYR A 55 -24.85 3.05 5.11
C TYR A 55 -24.13 3.48 6.38
N GLY A 56 -24.67 3.10 7.54
CA GLY A 56 -24.10 3.55 8.79
C GLY A 56 -23.39 2.41 9.47
N SER A 57 -23.22 1.32 8.74
CA SER A 57 -22.33 0.30 9.19
C SER A 57 -21.72 -0.40 7.96
N TYR A 58 -20.55 -1.03 8.18
CA TYR A 58 -19.78 -1.72 7.15
C TYR A 58 -20.49 -3.01 6.79
N GLU A 59 -21.04 -3.65 7.82
CA GLU A 59 -21.80 -4.90 7.64
C GLU A 59 -22.89 -4.73 6.56
N GLU A 60 -23.58 -3.58 6.53
CA GLU A 60 -24.61 -3.26 5.53
C GLU A 60 -24.08 -3.10 4.11
N LEU A 61 -22.94 -2.42 3.99
CA LEU A 61 -22.21 -2.41 2.73
C LEU A 61 -21.74 -3.81 2.31
N ALA A 62 -21.29 -4.65 3.24
CA ALA A 62 -20.90 -6.02 2.84
C ALA A 62 -22.04 -6.76 2.13
N LYS A 63 -23.23 -6.63 2.73
CA LYS A 63 -24.44 -7.40 2.38
C LYS A 63 -25.21 -6.84 1.18
N ASP A 64 -24.76 -5.70 0.69
CA ASP A 64 -25.34 -5.09 -0.46
C ASP A 64 -25.00 -5.97 -1.66
N PRO A 65 -26.02 -6.54 -2.34
CA PRO A 65 -25.71 -7.43 -3.49
C PRO A 65 -25.21 -6.64 -4.70
N ASN A 66 -25.31 -5.33 -4.66
CA ASN A 66 -24.78 -4.55 -5.76
C ASN A 66 -23.28 -4.34 -5.86
N VAL A 67 -22.61 -4.47 -4.72
CA VAL A 67 -21.20 -4.26 -4.61
C VAL A 67 -20.50 -5.52 -4.99
N GLU A 68 -19.49 -5.37 -5.83
CA GLU A 68 -18.73 -6.51 -6.30
C GLU A 68 -17.37 -6.49 -5.62
N VAL A 69 -16.79 -5.30 -5.42
CA VAL A 69 -15.52 -5.11 -4.76
C VAL A 69 -15.57 -3.99 -3.70
N ALA A 70 -14.96 -4.24 -2.55
CA ALA A 70 -14.98 -3.31 -1.45
C ALA A 70 -13.58 -2.71 -1.25
N TYR A 71 -13.54 -1.39 -1.08
CA TYR A 71 -12.29 -0.73 -0.89
C TYR A 71 -12.24 -0.44 0.60
N VAL A 72 -11.25 -1.00 1.29
CA VAL A 72 -11.19 -0.86 2.74
C VAL A 72 -10.17 0.24 3.01
N GLY A 73 -10.71 1.44 3.27
CA GLY A 73 -9.92 2.65 3.52
C GLY A 73 -9.71 2.96 5.02
N THR A 74 -10.12 2.09 5.93
CA THR A 74 -9.99 2.34 7.40
C THR A 74 -8.51 2.60 7.91
N GLN A 75 -8.44 3.08 9.14
CA GLN A 75 -7.16 3.25 9.81
C GLN A 75 -6.52 1.89 10.06
N HIS A 76 -5.22 1.85 10.36
CA HIS A 76 -4.50 0.56 10.40
C HIS A 76 -5.17 -0.56 11.23
N PRO A 77 -5.55 -0.28 12.51
CA PRO A 77 -6.07 -1.45 13.24
C PRO A 77 -7.47 -1.88 12.85
N GLN A 78 -8.18 -1.06 12.08
CA GLN A 78 -9.54 -1.42 11.66
C GLN A 78 -9.69 -2.17 10.33
N HIS A 79 -8.60 -2.40 9.60
CA HIS A 79 -8.63 -3.13 8.34
C HIS A 79 -9.13 -4.54 8.54
N LYS A 80 -8.59 -5.27 9.52
CA LYS A 80 -8.81 -6.72 9.54
C LYS A 80 -10.27 -7.07 9.67
N ALA A 81 -10.99 -6.42 10.60
CA ALA A 81 -12.38 -6.81 10.81
C ALA A 81 -13.25 -6.44 9.61
N ALA A 82 -12.96 -5.30 8.99
CA ALA A 82 -13.68 -4.82 7.77
C ALA A 82 -13.44 -5.75 6.58
N VAL A 83 -12.17 -6.06 6.30
CA VAL A 83 -11.82 -7.06 5.27
C VAL A 83 -12.58 -8.35 5.56
N MET A 84 -12.49 -8.87 6.80
CA MET A 84 -13.14 -10.16 7.11
C MET A 84 -14.65 -10.12 6.85
N LEU A 85 -15.32 -9.01 7.17
CA LEU A 85 -16.74 -8.88 6.92
C LEU A 85 -17.00 -8.98 5.43
N CYS A 86 -16.20 -8.26 4.65
CA CYS A 86 -16.41 -8.25 3.21
C CYS A 86 -16.23 -9.63 2.55
N LEU A 87 -15.18 -10.34 2.95
CA LEU A 87 -14.90 -11.69 2.42
C LEU A 87 -16.01 -12.68 2.78
N ALA A 88 -16.36 -12.72 4.05
CA ALA A 88 -17.54 -13.51 4.49
C ALA A 88 -18.80 -13.29 3.64
N ALA A 89 -19.05 -12.06 3.21
CA ALA A 89 -20.24 -11.71 2.41
C ALA A 89 -19.97 -11.89 0.93
N GLY A 90 -18.78 -12.36 0.55
CA GLY A 90 -18.48 -12.74 -0.82
C GLY A 90 -18.01 -11.59 -1.69
N LYS A 91 -17.52 -10.49 -1.10
CA LYS A 91 -16.98 -9.36 -1.88
C LYS A 91 -15.50 -9.52 -2.23
N ALA A 92 -15.05 -9.05 -3.39
CA ALA A 92 -13.61 -8.97 -3.64
C ALA A 92 -13.14 -7.80 -2.80
N VAL A 93 -11.88 -7.81 -2.35
CA VAL A 93 -11.42 -6.70 -1.49
C VAL A 93 -10.11 -6.07 -1.89
N LEU A 94 -10.09 -4.74 -1.99
CA LEU A 94 -8.82 -4.02 -2.10
C LEU A 94 -8.68 -3.28 -0.76
N CYS A 95 -7.61 -3.64 -0.07
CA CYS A 95 -7.40 -3.23 1.34
C CYS A 95 -6.22 -2.28 1.42
N GLU A 96 -6.41 -1.16 2.07
CA GLU A 96 -5.29 -0.25 2.24
C GLU A 96 -4.11 -0.85 3.05
N LYS A 97 -2.96 -0.19 2.86
CA LYS A 97 -1.64 -0.59 3.30
C LYS A 97 -1.42 -0.02 4.73
N PRO A 98 -0.69 -0.71 5.63
CA PRO A 98 -0.30 -2.11 5.47
C PRO A 98 -1.58 -2.89 5.68
N MET A 99 -1.70 -4.02 4.99
CA MET A 99 -2.92 -4.76 5.06
C MET A 99 -3.31 -4.98 6.52
N GLY A 100 -2.41 -5.46 7.37
CA GLY A 100 -2.75 -5.69 8.80
C GLY A 100 -1.60 -5.14 9.64
N VAL A 101 -1.79 -5.12 10.95
CA VAL A 101 -0.76 -4.57 11.80
C VAL A 101 0.31 -5.59 12.14
N ASN A 102 0.02 -6.87 12.08
CA ASN A 102 1.10 -7.84 12.20
C ASN A 102 0.90 -9.02 11.26
N ALA A 103 1.83 -9.97 11.26
CA ALA A 103 1.78 -11.04 10.28
C ALA A 103 0.53 -11.91 10.41
N ALA A 104 0.03 -12.04 11.62
CA ALA A 104 -1.04 -12.99 11.85
C ALA A 104 -2.32 -12.35 11.26
N GLU A 105 -2.48 -11.02 11.38
CA GLU A 105 -3.64 -10.42 10.78
C GLU A 105 -3.62 -10.66 9.27
N VAL A 106 -2.42 -10.59 8.68
CA VAL A 106 -2.34 -10.80 7.26
C VAL A 106 -2.69 -12.23 6.86
N ARG A 107 -2.00 -13.19 7.47
CA ARG A 107 -2.23 -14.63 7.32
C ARG A 107 -3.74 -14.90 7.44
N GLU A 108 -4.39 -14.26 8.40
CA GLU A 108 -5.79 -14.56 8.63
C GLU A 108 -6.69 -14.01 7.50
N MET A 109 -6.41 -12.79 7.02
CA MET A 109 -7.13 -12.27 5.88
C MET A 109 -6.88 -13.15 4.67
N VAL A 110 -5.63 -13.55 4.43
CA VAL A 110 -5.29 -14.29 3.22
C VAL A 110 -5.94 -15.68 3.22
N THR A 111 -5.99 -16.34 4.38
CA THR A 111 -6.60 -17.63 4.50
C THR A 111 -8.11 -17.56 4.26
N GLU A 112 -8.77 -16.52 4.78
CA GLU A 112 -10.19 -16.32 4.49
C GLU A 112 -10.44 -16.13 2.99
N ALA A 113 -9.73 -15.22 2.34
CA ALA A 113 -9.88 -14.98 0.91
C ALA A 113 -9.67 -16.26 0.11
N ARG A 114 -8.62 -17.00 0.47
CA ARG A 114 -8.23 -18.19 -0.27
C ARG A 114 -9.33 -19.23 -0.20
N SER A 115 -9.97 -19.32 0.97
CA SER A 115 -10.83 -20.43 1.21
C SER A 115 -12.20 -20.16 0.63
N ARG A 116 -12.53 -18.87 0.49
CA ARG A 116 -13.77 -18.40 -0.18
C ARG A 116 -13.59 -18.18 -1.71
N GLY A 117 -12.39 -18.41 -2.23
CA GLY A 117 -12.13 -18.24 -3.64
C GLY A 117 -12.39 -16.78 -4.06
N LEU A 118 -12.02 -15.81 -3.24
CA LEU A 118 -12.31 -14.41 -3.52
C LEU A 118 -11.05 -13.56 -3.65
N PHE A 119 -11.05 -12.57 -4.53
CA PHE A 119 -9.89 -11.68 -4.78
C PHE A 119 -9.60 -10.80 -3.59
N LEU A 120 -8.32 -10.71 -3.21
CA LEU A 120 -7.84 -9.83 -2.12
C LEU A 120 -6.57 -9.20 -2.62
N MET A 121 -6.41 -7.91 -2.43
CA MET A 121 -5.10 -7.28 -2.78
C MET A 121 -4.80 -6.19 -1.81
N GLU A 122 -3.52 -6.07 -1.46
CA GLU A 122 -3.08 -4.97 -0.60
C GLU A 122 -2.79 -3.79 -1.50
N ALA A 123 -3.28 -2.61 -1.13
CA ALA A 123 -3.23 -1.45 -2.01
C ALA A 123 -1.89 -0.73 -1.93
N ILE A 124 -0.82 -1.47 -2.31
CA ILE A 124 0.48 -0.84 -2.36
C ILE A 124 0.59 -0.15 -3.71
N TRP A 125 0.13 1.09 -3.71
CA TRP A 125 -0.23 1.74 -4.97
C TRP A 125 1.00 2.02 -5.78
N THR A 126 2.14 2.16 -5.10
CA THR A 126 3.41 2.53 -5.70
C THR A 126 3.79 1.59 -6.83
N ARG A 127 3.35 0.34 -6.74
CA ARG A 127 3.84 -0.72 -7.61
C ARG A 127 3.29 -0.57 -9.02
N PHE A 128 2.12 0.07 -9.12
CA PHE A 128 1.43 0.23 -10.38
C PHE A 128 1.77 1.54 -11.08
N PHE A 129 2.59 2.39 -10.48
CA PHE A 129 3.02 3.58 -11.20
C PHE A 129 3.82 3.19 -12.42
N PRO A 130 3.55 3.83 -13.56
CA PRO A 130 4.31 3.59 -14.77
C PRO A 130 5.81 3.61 -14.50
N ALA A 131 6.31 4.53 -13.65
CA ALA A 131 7.77 4.52 -13.27
C ALA A 131 8.28 3.25 -12.57
N SER A 132 7.45 2.62 -11.74
CA SER A 132 7.82 1.36 -11.12
C SER A 132 7.81 0.21 -12.10
N GLU A 133 6.84 0.24 -13.02
CA GLU A 133 6.71 -0.79 -14.04
C GLU A 133 7.98 -0.72 -14.96
N ALA A 134 8.35 0.51 -15.33
CA ALA A 134 9.53 0.65 -16.10
C ALA A 134 10.75 0.16 -15.29
N LEU A 135 10.81 0.43 -13.99
CA LEU A 135 11.90 -0.10 -13.24
C LEU A 135 11.95 -1.63 -13.36
N ARG A 136 10.80 -2.32 -13.15
CA ARG A 136 10.75 -3.81 -13.34
C ARG A 136 11.25 -4.26 -14.72
N SER A 137 10.89 -3.50 -15.74
CA SER A 137 11.32 -3.85 -17.06
C SER A 137 12.86 -3.74 -17.20
N VAL A 138 13.44 -2.68 -16.66
CA VAL A 138 14.86 -2.49 -16.70
C VAL A 138 15.51 -3.68 -15.99
N LEU A 139 14.94 -4.11 -14.85
CA LEU A 139 15.48 -5.29 -14.12
C LEU A 139 15.40 -6.59 -14.96
N ALA A 140 14.22 -6.84 -15.53
CA ALA A 140 14.01 -7.97 -16.42
C ALA A 140 14.99 -7.98 -17.62
N GLN A 141 15.34 -6.81 -18.14
CA GLN A 141 16.12 -6.76 -19.35
C GLN A 141 17.61 -6.95 -19.05
N GLY A 142 17.96 -6.99 -17.75
CA GLY A 142 19.33 -7.13 -17.31
C GLY A 142 20.12 -5.85 -17.56
N THR A 143 19.45 -4.70 -17.78
CA THR A 143 20.19 -3.45 -18.10
C THR A 143 21.27 -3.02 -17.07
N LEU A 144 21.07 -3.28 -15.78
CA LEU A 144 22.01 -2.87 -14.76
C LEU A 144 23.11 -3.91 -14.56
N GLY A 145 23.18 -4.99 -15.35
CA GLY A 145 24.15 -6.07 -15.05
C GLY A 145 23.67 -6.96 -13.90
N ASP A 146 24.55 -7.75 -13.27
CA ASP A 146 24.15 -8.55 -12.13
C ASP A 146 23.96 -7.61 -10.96
N LEU A 147 22.90 -7.81 -10.20
CA LEU A 147 22.58 -6.90 -9.14
C LEU A 147 23.59 -6.97 -7.96
N ARG A 148 23.60 -5.92 -7.14
CA ARG A 148 24.52 -5.87 -5.98
C ARG A 148 23.82 -5.39 -4.73
N VAL A 149 23.10 -4.28 -4.82
CA VAL A 149 22.56 -3.60 -3.64
C VAL A 149 21.30 -2.76 -3.96
N ALA A 150 20.32 -2.77 -3.07
CA ALA A 150 19.17 -1.83 -3.21
C ALA A 150 19.18 -0.90 -1.99
N ARG A 151 18.59 0.28 -2.17
CA ARG A 151 18.49 1.26 -1.11
C ARG A 151 17.21 2.04 -1.28
N ALA A 152 16.55 2.38 -0.18
CA ALA A 152 15.31 3.18 -0.22
C ALA A 152 15.22 3.94 1.09
N GLU A 153 14.64 5.12 1.05
CA GLU A 153 14.41 5.87 2.28
C GLU A 153 13.17 6.71 2.22
N PHE A 154 12.47 6.84 3.32
CA PHE A 154 11.29 7.64 3.35
C PHE A 154 11.16 8.20 4.76
N GLY A 155 11.43 9.49 4.92
CA GLY A 155 11.12 10.18 6.12
C GLY A 155 10.75 11.62 5.92
N LYS A 156 9.92 12.01 6.86
CA LYS A 156 9.36 13.36 6.92
C LYS A 156 9.10 13.66 8.40
N ASN A 157 8.97 14.91 8.76
CA ASN A 157 8.47 15.21 10.12
C ASN A 157 6.95 15.07 10.10
N LEU A 158 6.40 14.02 10.65
CA LEU A 158 4.94 13.79 10.60
C LEU A 158 4.39 13.89 12.00
N THR A 159 5.12 14.60 12.88
CA THR A 159 4.76 14.62 14.29
C THR A 159 3.54 15.44 14.55
N HIS A 160 3.06 16.22 13.58
CA HIS A 160 1.84 16.97 13.75
C HIS A 160 0.72 16.39 12.88
N VAL A 161 0.97 15.29 12.23
CA VAL A 161 -0.07 14.54 11.58
C VAL A 161 -0.60 13.60 12.65
N PRO A 162 -1.83 13.73 12.99
CA PRO A 162 -2.29 13.22 14.27
C PRO A 162 -2.16 11.72 14.30
N ARG A 163 -2.67 11.08 13.29
CA ARG A 163 -2.69 9.65 13.37
C ARG A 163 -1.35 9.06 13.05
N ALA A 164 -0.43 9.82 12.48
CA ALA A 164 0.86 9.20 12.16
C ALA A 164 1.72 8.80 13.37
N VAL A 165 1.47 9.39 14.53
CA VAL A 165 2.33 9.11 15.66
C VAL A 165 1.61 8.45 16.87
N ASP A 166 0.48 7.86 16.61
CA ASP A 166 -0.51 7.37 17.54
C ASP A 166 -0.28 5.92 17.82
N TRP A 167 -0.02 5.60 19.05
CA TRP A 167 0.14 4.22 19.40
C TRP A 167 -1.16 3.46 19.12
N ALA A 168 -2.33 4.04 19.47
CA ALA A 168 -3.63 3.32 19.42
C ALA A 168 -4.05 3.02 17.95
N GLN A 169 -3.59 3.89 17.04
CA GLN A 169 -3.82 3.71 15.64
C GLN A 169 -2.66 3.01 14.87
N ALA A 170 -1.74 2.32 15.58
CA ALA A 170 -0.57 1.61 15.00
C ALA A 170 0.16 2.50 13.94
N GLY A 171 0.58 3.68 14.39
CA GLY A 171 1.32 4.60 13.57
C GLY A 171 2.79 4.32 13.77
N GLY A 172 3.65 5.31 13.55
CA GLY A 172 5.09 5.04 13.53
C GLY A 172 5.73 5.03 12.17
N ALA A 173 7.07 5.08 12.16
CA ALA A 173 7.80 5.14 10.88
C ALA A 173 7.54 3.87 10.06
N LEU A 174 7.56 2.70 10.67
CA LEU A 174 7.58 1.46 9.92
C LEU A 174 6.26 1.25 9.20
N LEU A 175 5.17 1.41 9.94
CA LEU A 175 3.87 1.14 9.39
C LEU A 175 3.32 2.24 8.50
N ASP A 176 3.82 3.48 8.62
CA ASP A 176 3.41 4.52 7.69
C ASP A 176 4.34 4.72 6.51
N LEU A 177 5.63 4.54 6.73
CA LEU A 177 6.59 4.88 5.72
C LEU A 177 7.48 3.70 5.39
N GLY A 178 7.87 2.86 6.35
CA GLY A 178 8.81 1.79 6.06
C GLY A 178 8.20 0.77 5.11
N ILE A 179 6.87 0.69 5.14
CA ILE A 179 6.18 -0.26 4.26
C ILE A 179 6.55 -0.01 2.79
N TYR A 180 6.78 1.26 2.47
CA TYR A 180 7.13 1.56 1.12
C TYR A 180 8.54 1.09 0.82
N CYS A 181 9.41 1.23 1.78
CA CYS A 181 10.78 0.75 1.63
C CYS A 181 10.88 -0.76 1.48
N VAL A 182 10.20 -1.50 2.35
CA VAL A 182 10.22 -2.96 2.32
C VAL A 182 9.65 -3.40 0.98
N GLN A 183 8.59 -2.78 0.50
CA GLN A 183 8.03 -3.26 -0.75
C GLN A 183 8.95 -2.97 -1.90
N PHE A 184 9.56 -1.79 -1.92
CA PHE A 184 10.49 -1.51 -2.97
C PHE A 184 11.61 -2.58 -3.00
N ILE A 185 12.24 -2.82 -1.83
CA ILE A 185 13.35 -3.74 -1.80
C ILE A 185 12.92 -5.18 -2.19
N SER A 186 11.75 -5.60 -1.73
CA SER A 186 11.22 -6.89 -2.10
C SER A 186 11.02 -6.95 -3.62
N MET A 187 10.48 -5.88 -4.18
CA MET A 187 10.22 -5.86 -5.62
C MET A 187 11.50 -6.07 -6.39
N VAL A 188 12.58 -5.36 -6.03
CA VAL A 188 13.71 -5.45 -6.91
C VAL A 188 14.38 -6.79 -6.79
N PHE A 189 14.21 -7.49 -5.69
CA PHE A 189 14.85 -8.79 -5.51
C PHE A 189 13.80 -9.91 -5.66
N GLY A 190 12.81 -9.71 -6.52
CA GLY A 190 12.05 -10.84 -7.01
C GLY A 190 11.10 -11.38 -5.95
N GLY A 191 10.75 -10.55 -4.96
CA GLY A 191 9.83 -10.95 -3.88
C GLY A 191 10.35 -12.07 -2.99
N GLN A 192 11.69 -12.25 -2.97
CA GLN A 192 12.32 -13.39 -2.29
C GLN A 192 12.42 -13.08 -0.85
N LYS A 193 12.51 -14.11 -0.06
CA LYS A 193 12.47 -13.99 1.35
C LYS A 193 13.90 -13.67 1.85
N PRO A 194 14.11 -12.62 2.65
CA PRO A 194 15.48 -12.35 3.17
C PRO A 194 16.08 -13.51 3.99
N GLU A 195 17.39 -13.64 3.96
CA GLU A 195 18.13 -14.67 4.67
C GLU A 195 18.47 -14.20 6.09
N LYS A 196 18.45 -12.87 6.29
CA LYS A 196 18.88 -12.23 7.54
C LYS A 196 18.48 -10.74 7.54
N ILE A 197 18.08 -10.21 8.69
CA ILE A 197 17.68 -8.82 8.86
C ILE A 197 18.42 -8.19 10.06
N SER A 198 18.88 -6.94 9.99
CA SER A 198 19.47 -6.28 11.18
C SER A 198 18.88 -4.91 11.28
N VAL A 199 18.62 -4.46 12.49
CA VAL A 199 17.79 -3.31 12.66
C VAL A 199 18.45 -2.41 13.70
N MET A 200 18.41 -1.09 13.49
CA MET A 200 18.69 -0.13 14.55
C MET A 200 17.63 0.93 14.47
N GLY A 201 17.18 1.45 15.61
CA GLY A 201 16.29 2.59 15.51
C GLY A 201 15.96 3.12 16.84
N ARG A 202 15.23 4.24 16.90
CA ARG A 202 14.75 4.72 18.20
C ARG A 202 13.26 4.89 18.26
N ARG A 203 12.77 4.99 19.48
CA ARG A 203 11.36 5.16 19.69
C ARG A 203 11.01 6.65 19.72
N HIS A 204 9.73 6.95 19.59
CA HIS A 204 9.24 8.31 19.65
C HIS A 204 8.44 8.41 20.94
N GLU A 205 8.41 9.57 21.58
CA GLU A 205 7.74 9.69 22.88
C GLU A 205 6.20 9.44 22.89
N THR A 206 5.62 9.16 21.74
CA THR A 206 4.22 8.86 21.78
C THR A 206 3.98 7.37 21.74
N GLY A 207 4.97 6.51 21.87
CA GLY A 207 4.64 5.07 21.94
C GLY A 207 4.88 4.30 20.65
N VAL A 208 5.30 4.97 19.58
CA VAL A 208 5.59 4.33 18.32
C VAL A 208 7.08 4.43 17.96
N ASP A 209 7.52 3.79 16.86
CA ASP A 209 8.91 3.94 16.37
C ASP A 209 9.16 5.28 15.70
N ASP A 210 10.34 5.89 15.87
CA ASP A 210 10.65 7.26 15.39
C ASP A 210 11.51 7.21 14.10
N THR A 211 12.62 6.46 14.13
CA THR A 211 13.52 6.37 13.02
C THR A 211 14.14 5.01 13.09
N VAL A 212 14.16 4.30 11.98
CA VAL A 212 14.57 2.88 11.97
C VAL A 212 15.33 2.66 10.66
N THR A 213 16.52 2.09 10.76
CA THR A 213 17.24 1.61 9.60
C THR A 213 17.35 0.09 9.64
N VAL A 214 17.29 -0.55 8.47
CA VAL A 214 17.19 -2.01 8.40
C VAL A 214 18.10 -2.45 7.31
N LEU A 215 18.81 -3.56 7.52
CA LEU A 215 19.72 -4.22 6.59
C LEU A 215 19.15 -5.59 6.28
N LEU A 216 18.95 -5.93 5.01
CA LEU A 216 18.33 -7.22 4.66
C LEU A 216 19.23 -7.99 3.75
N GLN A 217 19.66 -9.15 4.22
CA GLN A 217 20.47 -10.01 3.39
C GLN A 217 19.52 -10.79 2.46
N TYR A 218 19.72 -10.68 1.14
CA TYR A 218 18.84 -11.36 0.19
C TYR A 218 19.66 -12.48 -0.47
N PRO A 219 19.01 -13.51 -1.08
CA PRO A 219 19.82 -14.62 -1.64
C PRO A 219 20.65 -14.21 -2.84
N GLY A 220 21.68 -14.99 -3.13
CA GLY A 220 22.48 -14.73 -4.26
C GLY A 220 23.44 -13.61 -4.00
N GLU A 221 23.76 -13.35 -2.73
CA GLU A 221 24.75 -12.31 -2.41
C GLU A 221 24.39 -10.89 -2.89
N VAL A 222 23.14 -10.49 -2.63
CA VAL A 222 22.75 -9.11 -2.79
C VAL A 222 22.03 -8.74 -1.48
N HIS A 223 22.04 -7.47 -1.12
CA HIS A 223 21.36 -7.05 0.05
C HIS A 223 20.69 -5.71 -0.24
N GLY A 224 19.82 -5.23 0.65
CA GLY A 224 19.31 -3.88 0.59
C GLY A 224 19.25 -3.30 1.99
N SER A 225 19.08 -2.00 2.07
CA SER A 225 18.86 -1.40 3.35
C SER A 225 17.90 -0.28 3.12
N PHE A 226 17.26 0.19 4.19
CA PHE A 226 16.39 1.34 4.13
C PHE A 226 16.38 2.09 5.47
N THR A 227 15.98 3.35 5.43
CA THR A 227 15.84 4.14 6.62
C THR A 227 14.49 4.80 6.51
N CYS A 228 13.66 4.76 7.55
CA CYS A 228 12.43 5.51 7.53
C CYS A 228 12.32 6.32 8.82
N SER A 229 11.54 7.41 8.79
CA SER A 229 11.45 8.25 9.95
C SER A 229 10.17 9.07 9.97
N ILE A 230 9.61 9.25 11.15
CA ILE A 230 8.54 10.23 11.29
C ILE A 230 8.96 11.56 11.87
N THR A 231 10.26 11.77 11.99
CA THR A 231 10.72 13.08 12.41
C THR A 231 11.72 13.67 11.44
N ALA A 232 12.56 12.85 10.81
CA ALA A 232 13.64 13.41 10.03
C ALA A 232 13.37 13.32 8.54
N GLN A 233 13.37 14.47 7.87
CA GLN A 233 13.35 14.48 6.40
C GLN A 233 14.48 13.63 5.87
N LEU A 234 14.20 12.78 4.90
CA LEU A 234 15.26 12.03 4.17
C LEU A 234 15.19 12.37 2.68
N SER A 235 16.09 11.78 1.88
CA SER A 235 16.07 12.12 0.44
C SER A 235 14.83 11.57 -0.29
N ASN A 236 14.16 10.59 0.32
CA ASN A 236 12.97 9.98 -0.26
C ASN A 236 13.12 9.49 -1.72
N THR A 237 14.22 8.82 -1.99
CA THR A 237 14.45 8.17 -3.27
C THR A 237 14.72 6.66 -3.05
N ALA A 238 14.73 5.85 -4.10
CA ALA A 238 15.02 4.44 -3.98
C ALA A 238 15.89 4.11 -5.20
N SER A 239 16.92 3.31 -5.00
CA SER A 239 17.76 2.92 -6.08
C SER A 239 18.01 1.42 -6.02
N VAL A 240 18.41 0.80 -7.13
CA VAL A 240 19.00 -0.56 -7.12
C VAL A 240 20.23 -0.47 -8.02
N SER A 241 21.31 -1.19 -7.73
CA SER A 241 22.49 -1.08 -8.60
C SER A 241 23.12 -2.42 -8.85
N GLY A 242 23.76 -2.52 -10.03
CA GLY A 242 24.44 -3.74 -10.44
C GLY A 242 25.76 -3.38 -11.10
N THR A 243 26.43 -4.39 -11.63
CA THR A 243 27.73 -4.22 -12.23
C THR A 243 27.79 -3.25 -13.41
N LYS A 244 26.63 -2.88 -13.96
CA LYS A 244 26.60 -1.95 -15.11
C LYS A 244 25.89 -0.65 -14.81
N GLY A 245 25.39 -0.43 -13.58
CA GLY A 245 24.88 0.89 -13.25
C GLY A 245 23.71 0.92 -12.27
N MET A 246 23.12 2.10 -12.10
CA MET A 246 22.11 2.32 -11.09
C MET A 246 20.80 2.83 -11.72
N ALA A 247 19.67 2.40 -11.14
CA ALA A 247 18.35 2.87 -11.52
C ALA A 247 17.75 3.47 -10.27
N GLN A 248 17.08 4.58 -10.41
CA GLN A 248 16.67 5.28 -9.22
C GLN A 248 15.31 5.93 -9.43
N LEU A 249 14.41 5.76 -8.46
CA LEU A 249 13.15 6.44 -8.51
C LEU A 249 13.32 7.73 -7.68
N LEU A 250 13.10 8.89 -8.30
CA LEU A 250 13.35 10.13 -7.60
C LEU A 250 12.24 10.50 -6.61
N ASN A 251 12.54 11.43 -5.74
CA ASN A 251 11.54 11.90 -4.80
C ASN A 251 10.36 12.57 -5.53
N PRO A 252 9.12 12.16 -5.25
CA PRO A 252 8.67 11.26 -4.17
C PRO A 252 8.71 9.77 -4.58
N CYS A 253 9.61 9.01 -3.97
CA CYS A 253 9.74 7.62 -4.34
C CYS A 253 8.52 6.73 -4.07
N TRP A 254 7.59 7.12 -3.21
CA TRP A 254 6.44 6.26 -2.90
C TRP A 254 5.26 6.48 -3.87
N CYS A 255 5.40 7.47 -4.74
CA CYS A 255 4.44 7.70 -5.81
C CYS A 255 5.23 8.38 -6.95
N PRO A 256 6.21 7.65 -7.55
CA PRO A 256 7.25 8.25 -8.37
C PRO A 256 6.83 8.50 -9.78
N THR A 257 7.32 9.61 -10.33
CA THR A 257 7.04 9.99 -11.70
C THR A 257 8.35 10.12 -12.43
N GLU A 258 9.50 9.92 -11.79
CA GLU A 258 10.73 9.90 -12.59
C GLU A 258 11.63 8.76 -12.28
N LEU A 259 12.21 8.20 -13.34
CA LEU A 259 13.11 7.09 -13.26
C LEU A 259 14.43 7.57 -13.89
N VAL A 260 15.57 7.48 -13.22
CA VAL A 260 16.87 7.73 -13.84
C VAL A 260 17.59 6.38 -13.86
N VAL A 261 17.97 5.95 -15.08
CA VAL A 261 18.68 4.67 -15.33
C VAL A 261 20.01 4.99 -16.01
N LYS A 262 21.12 4.75 -15.34
CA LYS A 262 22.40 5.15 -15.89
C LYS A 262 22.45 6.59 -16.42
N GLY A 263 22.06 7.56 -15.60
CA GLY A 263 22.09 8.93 -16.01
C GLY A 263 20.93 9.34 -16.92
N GLU A 264 20.27 8.41 -17.61
CA GLU A 264 19.15 8.78 -18.52
C GLU A 264 17.85 9.01 -17.72
N HIS A 265 17.31 10.25 -17.70
CA HIS A 265 16.01 10.59 -17.05
C HIS A 265 14.77 10.22 -17.89
N LYS A 266 13.74 9.66 -17.29
CA LYS A 266 12.43 9.52 -17.95
C LYS A 266 11.32 10.03 -17.03
N GLU A 267 10.33 10.74 -17.55
CA GLU A 267 9.25 11.26 -16.72
C GLU A 267 7.99 10.55 -17.15
N PHE A 268 7.08 10.28 -16.22
CA PHE A 268 5.83 9.54 -16.53
C PHE A 268 4.74 10.34 -15.89
N LEU A 269 4.03 11.14 -16.67
CA LEU A 269 3.11 12.11 -16.09
C LEU A 269 1.92 11.40 -15.43
N LEU A 270 1.46 11.99 -14.33
CA LEU A 270 0.26 11.50 -13.64
C LEU A 270 -1.01 11.76 -14.45
N PRO A 271 -2.08 11.01 -14.18
CA PRO A 271 -3.31 11.43 -14.89
C PRO A 271 -3.64 12.92 -14.55
N PRO A 272 -4.28 13.65 -15.48
CA PRO A 272 -4.54 15.07 -15.17
C PRO A 272 -5.48 15.28 -14.00
N VAL A 273 -6.38 14.33 -13.71
CA VAL A 273 -7.37 14.48 -12.66
C VAL A 273 -7.42 13.34 -11.63
N PRO A 274 -7.89 13.56 -10.37
CA PRO A 274 -8.24 14.85 -9.72
C PRO A 274 -7.03 15.68 -9.33
N LYS A 275 -7.25 16.99 -9.11
CA LYS A 275 -6.21 17.88 -8.49
C LYS A 275 -6.71 18.03 -7.04
N ASN A 276 -5.91 18.62 -6.17
CA ASN A 276 -6.39 18.84 -4.79
C ASN A 276 -6.70 17.50 -4.08
N CYS A 277 -5.81 16.57 -4.22
CA CYS A 277 -5.97 15.39 -3.45
C CYS A 277 -5.42 15.65 -2.09
N ASN A 278 -5.98 15.01 -1.11
CA ASN A 278 -5.44 15.01 0.22
C ASN A 278 -4.02 14.60 0.32
N PHE A 279 -3.59 13.67 -0.49
CA PHE A 279 -2.24 13.22 -0.41
C PHE A 279 -1.50 13.51 -1.68
N ASP A 280 -0.21 13.76 -1.58
CA ASP A 280 0.58 14.14 -2.71
C ASP A 280 0.51 13.05 -3.75
N ASN A 281 0.32 13.46 -4.98
CA ASN A 281 0.20 12.59 -6.12
C ASN A 281 -0.92 11.62 -6.08
N GLY A 282 -1.92 11.92 -5.28
CA GLY A 282 -3.07 11.03 -5.07
C GLY A 282 -3.74 10.51 -6.34
N ALA A 283 -3.58 11.21 -7.49
CA ALA A 283 -4.16 10.71 -8.78
C ALA A 283 -3.56 9.39 -9.23
N GLY A 284 -2.38 9.04 -8.73
CA GLY A 284 -1.76 7.79 -9.15
C GLY A 284 -2.49 6.60 -8.60
N MET A 285 -3.47 6.82 -7.75
CA MET A 285 -4.28 5.70 -7.27
C MET A 285 -5.02 5.05 -8.44
N SER A 286 -5.13 5.73 -9.58
CA SER A 286 -5.87 5.12 -10.67
C SER A 286 -5.19 3.87 -11.13
N TYR A 287 -3.87 3.83 -11.03
CA TYR A 287 -3.19 2.71 -11.61
C TYR A 287 -3.60 1.40 -10.96
N GLU A 288 -3.70 1.37 -9.63
CA GLU A 288 -4.12 0.20 -8.93
C GLU A 288 -5.63 -0.09 -9.15
N ALA A 289 -6.46 0.98 -9.28
CA ALA A 289 -7.91 0.69 -9.51
C ALA A 289 -8.06 -0.04 -10.82
N LYS A 290 -7.27 0.46 -11.81
CA LYS A 290 -7.40 -0.19 -13.11
C LYS A 290 -6.88 -1.61 -12.98
N HIS A 291 -5.81 -1.77 -12.18
CA HIS A 291 -5.25 -3.09 -12.01
C HIS A 291 -6.28 -4.09 -11.42
N VAL A 292 -7.00 -3.68 -10.37
CA VAL A 292 -7.97 -4.55 -9.71
C VAL A 292 -9.01 -5.02 -10.76
N ARG A 293 -9.52 -4.10 -11.59
CA ARG A 293 -10.49 -4.49 -12.63
C ARG A 293 -9.97 -5.54 -13.63
N GLU A 294 -8.75 -5.35 -14.14
CA GLU A 294 -8.14 -6.36 -15.00
C GLU A 294 -8.02 -7.72 -14.34
N CYS A 295 -7.56 -7.76 -13.08
CA CYS A 295 -7.43 -9.05 -12.43
C CYS A 295 -8.82 -9.70 -12.34
N LEU A 296 -9.82 -8.90 -12.02
CA LEU A 296 -11.11 -9.47 -11.74
C LEU A 296 -11.70 -9.94 -13.05
N ARG A 297 -11.47 -9.14 -14.08
CA ARG A 297 -11.93 -9.53 -15.40
C ARG A 297 -11.31 -10.81 -15.89
N LYS A 298 -10.04 -11.03 -15.60
CA LYS A 298 -9.44 -12.31 -15.97
C LYS A 298 -9.81 -13.42 -14.99
N GLY A 299 -10.70 -13.18 -14.01
CA GLY A 299 -11.01 -14.21 -12.96
C GLY A 299 -9.90 -14.53 -11.94
N LEU A 300 -8.85 -13.68 -11.83
CA LEU A 300 -7.77 -13.84 -10.83
C LEU A 300 -8.32 -13.67 -9.42
N LYS A 301 -7.73 -14.39 -8.46
CA LYS A 301 -8.13 -14.29 -7.07
C LYS A 301 -7.06 -13.54 -6.32
N GLU A 302 -6.09 -12.99 -7.02
CA GLU A 302 -5.03 -12.22 -6.38
C GLU A 302 -4.24 -11.53 -7.47
N SER A 303 -3.42 -10.54 -7.12
CA SER A 303 -2.64 -9.85 -8.13
C SER A 303 -1.30 -10.51 -8.37
N PRO A 304 -0.90 -10.70 -9.62
CA PRO A 304 0.47 -11.19 -9.87
C PRO A 304 1.55 -10.20 -9.47
N VAL A 305 1.16 -8.96 -9.25
CA VAL A 305 2.15 -7.86 -8.98
C VAL A 305 2.40 -7.67 -7.48
N ILE A 306 1.33 -7.83 -6.65
CA ILE A 306 1.45 -8.04 -5.20
C ILE A 306 0.67 -9.26 -4.79
N PRO A 307 1.28 -10.45 -5.01
CA PRO A 307 0.63 -11.69 -4.69
C PRO A 307 0.44 -11.74 -3.17
N LEU A 308 -0.62 -12.41 -2.68
CA LEU A 308 -0.81 -12.55 -1.24
C LEU A 308 0.36 -13.22 -0.47
N VAL A 309 1.09 -14.14 -1.09
CA VAL A 309 2.17 -14.72 -0.36
C VAL A 309 3.27 -13.66 -0.13
N GLU A 310 3.36 -12.67 -1.01
CA GLU A 310 4.27 -11.57 -0.76
C GLU A 310 3.79 -10.56 0.28
N SER A 311 2.53 -10.16 0.24
CA SER A 311 1.93 -9.45 1.36
C SER A 311 2.21 -10.14 2.71
N GLU A 312 2.13 -11.46 2.78
CA GLU A 312 2.46 -12.12 4.04
C GLU A 312 3.93 -11.91 4.48
N LEU A 313 4.86 -12.01 3.51
CA LEU A 313 6.30 -11.87 3.74
C LEU A 313 6.60 -10.40 4.12
N LEU A 314 5.98 -9.44 3.41
CA LEU A 314 6.25 -8.07 3.75
C LEU A 314 5.80 -7.87 5.19
N ALA A 315 4.64 -8.42 5.58
CA ALA A 315 4.16 -8.29 6.97
C ALA A 315 5.10 -9.01 7.98
N ASP A 316 5.64 -10.18 7.59
CA ASP A 316 6.67 -10.87 8.41
C ASP A 316 7.88 -9.99 8.64
N ILE A 317 8.32 -9.36 7.55
CA ILE A 317 9.51 -8.55 7.63
C ILE A 317 9.30 -7.38 8.59
N LEU A 318 8.17 -6.70 8.44
CA LEU A 318 7.92 -5.45 9.15
C LEU A 318 7.83 -5.74 10.66
N GLU A 319 7.17 -6.85 10.99
CA GLU A 319 6.91 -7.23 12.34
C GLU A 319 8.21 -7.70 12.97
N GLU A 320 9.05 -8.38 12.19
CA GLU A 320 10.34 -8.77 12.72
C GLU A 320 11.19 -7.53 13.00
N VAL A 321 11.10 -6.56 12.07
CA VAL A 321 11.82 -5.32 12.25
C VAL A 321 11.31 -4.67 13.51
N ARG A 322 10.05 -4.41 13.67
CA ARG A 322 9.72 -3.69 14.88
C ARG A 322 9.81 -4.49 16.15
N ARG A 323 9.76 -5.78 16.10
CA ARG A 323 10.10 -6.52 17.29
C ARG A 323 11.60 -6.40 17.69
N ALA A 324 12.51 -6.33 16.71
CA ALA A 324 13.92 -6.23 17.03
C ALA A 324 14.24 -4.99 17.82
N ILE A 325 13.38 -3.99 17.80
CA ILE A 325 13.63 -2.79 18.56
C ILE A 325 12.55 -2.55 19.59
N GLY A 326 11.81 -3.60 19.88
CA GLY A 326 10.99 -3.64 21.05
C GLY A 326 9.64 -3.04 20.91
N VAL A 327 9.27 -2.53 19.72
CA VAL A 327 7.95 -1.86 19.58
C VAL A 327 6.81 -2.83 19.39
N THR A 328 5.88 -2.85 20.35
CA THR A 328 4.71 -3.75 20.34
C THR A 328 3.34 -3.02 20.39
N PHE A 329 2.36 -3.67 19.75
CA PHE A 329 0.96 -3.27 19.79
C PHE A 329 0.13 -4.34 20.54
N PRO A 330 -1.04 -3.94 21.13
CA PRO A 330 -2.05 -4.91 21.66
C PRO A 330 -2.12 -6.24 20.84
N GLN A 331 -2.37 -6.09 19.53
CA GLN A 331 -2.60 -7.23 18.63
C GLN A 331 -1.50 -8.27 18.58
N ASP A 332 -0.37 -8.07 19.22
CA ASP A 332 0.68 -9.05 19.04
C ASP A 332 0.61 -10.36 19.81
S SO4 B . -15.59 5.81 9.48
O1 SO4 B . -16.58 6.35 10.41
O2 SO4 B . -16.16 4.61 8.84
O3 SO4 B . -15.33 6.80 8.48
O4 SO4 B . -14.31 5.55 10.13
S SO4 C . 0.51 -19.15 1.95
O1 SO4 C . 0.22 -18.58 3.26
O2 SO4 C . -0.68 -19.98 1.66
O3 SO4 C . 0.61 -18.19 0.85
O4 SO4 C . 1.83 -19.85 2.01
S SO4 D . -16.63 -4.87 -16.05
O1 SO4 D . -16.35 -5.25 -14.65
O2 SO4 D . -18.11 -4.70 -16.28
O3 SO4 D . -15.97 -3.60 -16.42
O4 SO4 D . -16.02 -5.96 -16.84
S SO4 E . -8.32 10.46 8.40
O1 SO4 E . -9.02 9.18 8.29
O2 SO4 E . -7.46 10.56 7.23
O3 SO4 E . -9.35 11.51 8.37
O4 SO4 E . -7.45 10.63 9.60
C1 BME F . 9.95 2.93 -1.78
C2 BME F . 10.70 4.12 -1.21
O1 BME F . 9.38 3.14 -3.08
S2 BME F . 9.53 5.51 -1.09
O1 ISD G . 0.45 14.09 1.63
C1 ISD G . 1.30 13.25 1.51
C2 ISD G . 2.51 13.53 1.70
O2 ISD G . 3.01 14.64 1.15
C3 ISD G . 3.01 12.48 2.41
O3 ISD G . 3.90 12.54 3.43
O4 ISD G . 1.20 11.80 1.29
C4 ISD G . 2.32 11.18 1.98
C5 ISD G . 1.91 10.08 3.05
O5 ISD G . 2.61 10.13 4.30
C6 ISD G . 2.03 8.62 2.58
O6 ISD G . 0.79 7.99 2.17
#